data_2VY1
#
_entry.id   2VY1
#
_cell.length_a   98.390
_cell.length_b   98.390
_cell.length_c   176.440
_cell.angle_alpha   90.00
_cell.angle_beta   90.00
_cell.angle_gamma   120.00
#
_symmetry.space_group_name_H-M   'P 65 2 2'
#
loop_
_entity.id
_entity.type
_entity.pdbx_description
1 polymer 'PROTEIN LEAFY'
2 polymer "5'-D(*TP*TP*AP*CP*GP*GP*AP*CP*CP*AP *CP*TP*GP*GP*TP*CP*CP*TP*TP*CP)-3'"
3 water water
#
loop_
_entity_poly.entity_id
_entity_poly.type
_entity_poly.pdbx_seq_one_letter_code
_entity_poly.pdbx_strand_id
1 'polypeptide(L)'
;LGTERQREHPFIVTEPGEVARGKKNGLDYLFHLYEQCREFLLQVQTIAKDRGEKCPTKVTNQVFRYAKKSGASYINKPKM
RHYVHCYALHCLDEEASNALRRAFKERGENVGSWRQACYKPLVNIACRHGWDIDAVFNAHPRLSIWYVPTKLRQLCHLER
NNAVAAAAALVGGISCTGSSTSGRGGCGGDDLRF
;
A
2 'polydeoxyribonucleotide' (DA)(DG)(DA)(DA)(DG)(DG)(DA)(DC)(DC)(DA)(DG)(DT)(DG)(DG)(DT)(DC)(DC)(DG)(DT)(DA) W
#
# COMPACT_ATOMS: atom_id res chain seq x y z
N ARG A 7 -0.06 -10.08 -19.73
CA ARG A 7 0.37 -10.16 -18.33
C ARG A 7 1.53 -9.21 -18.07
N GLU A 8 1.41 -8.38 -17.04
CA GLU A 8 2.49 -7.48 -16.66
C GLU A 8 3.74 -8.26 -16.27
N HIS A 9 4.91 -7.68 -16.50
CA HIS A 9 6.15 -8.26 -16.02
C HIS A 9 6.16 -8.28 -14.49
N PRO A 10 6.71 -9.33 -13.89
CA PRO A 10 6.72 -9.45 -12.43
C PRO A 10 7.57 -8.38 -11.78
N PHE A 11 7.25 -8.05 -10.53
CA PHE A 11 8.06 -7.08 -9.78
C PHE A 11 9.32 -7.77 -9.28
N ILE A 12 10.38 -6.99 -9.10
CA ILE A 12 11.55 -7.44 -8.37
C ILE A 12 11.92 -6.35 -7.37
N VAL A 13 12.62 -6.72 -6.32
CA VAL A 13 13.05 -5.74 -5.33
C VAL A 13 14.08 -4.79 -5.93
N THR A 14 13.76 -3.50 -5.96
CA THR A 14 14.69 -2.50 -6.45
C THR A 14 14.97 -1.46 -5.37
N GLU A 15 16.07 -0.72 -5.53
CA GLU A 15 16.36 0.39 -4.64
C GLU A 15 15.75 1.65 -5.24
N PRO A 16 15.56 2.70 -4.42
CA PRO A 16 14.90 3.92 -4.90
C PRO A 16 15.51 4.47 -6.18
N GLY A 17 14.69 4.77 -7.17
CA GLY A 17 15.16 5.35 -8.41
C GLY A 17 15.65 4.34 -9.42
N GLU A 18 15.84 3.10 -8.99
CA GLU A 18 16.36 2.06 -9.87
C GLU A 18 15.34 1.62 -10.93
N VAL A 19 15.76 1.64 -12.20
CA VAL A 19 14.96 1.05 -13.26
C VAL A 19 15.28 -0.44 -13.33
N ALA A 20 14.25 -1.28 -13.30
CA ALA A 20 14.45 -2.73 -13.36
C ALA A 20 14.91 -3.14 -14.76
N ARG A 21 15.93 -3.98 -14.83
CA ARG A 21 16.45 -4.45 -16.12
C ARG A 21 15.65 -5.63 -16.62
N GLY A 22 15.50 -5.73 -17.94
CA GLY A 22 14.87 -6.89 -18.53
C GLY A 22 13.37 -6.87 -18.41
N LYS A 23 12.75 -8.04 -18.47
CA LYS A 23 11.30 -8.15 -18.42
C LYS A 23 10.82 -8.17 -16.96
N LYS A 24 11.13 -7.11 -16.23
CA LYS A 24 10.79 -6.98 -14.83
C LYS A 24 10.30 -5.55 -14.60
N ASN A 25 9.51 -5.35 -13.56
CA ASN A 25 9.13 -4.01 -13.11
C ASN A 25 9.72 -3.77 -11.71
N GLY A 26 10.08 -2.52 -11.42
CA GLY A 26 10.64 -2.18 -10.11
C GLY A 26 9.61 -1.72 -9.10
N LEU A 27 10.05 -1.46 -7.87
CA LEU A 27 9.13 -1.10 -6.79
C LEU A 27 8.62 0.35 -6.85
N ASP A 28 9.38 1.23 -7.48
CA ASP A 28 8.90 2.60 -7.68
C ASP A 28 7.75 2.61 -8.68
N TYR A 29 7.86 1.76 -9.71
CA TYR A 29 6.77 1.55 -10.65
C TYR A 29 5.52 1.04 -9.89
N LEU A 30 5.72 0.09 -8.99
CA LEU A 30 4.63 -0.40 -8.14
C LEU A 30 3.96 0.73 -7.36
N PHE A 31 4.74 1.56 -6.68
CA PHE A 31 4.17 2.65 -5.91
C PHE A 31 3.48 3.66 -6.82
N HIS A 32 4.00 3.86 -8.02
CA HIS A 32 3.36 4.74 -9.00
C HIS A 32 1.97 4.25 -9.38
N LEU A 33 1.77 2.93 -9.41
CA LEU A 33 0.44 2.39 -9.72
C LEU A 33 -0.60 2.82 -8.69
N TYR A 34 -0.19 2.92 -7.42
CA TYR A 34 -1.07 3.42 -6.37
C TYR A 34 -1.44 4.89 -6.59
N GLU A 35 -0.45 5.68 -7.01
N GLU A 35 -0.46 5.68 -7.03
CA GLU A 35 -0.67 7.08 -7.34
CA GLU A 35 -0.71 7.10 -7.32
C GLU A 35 -1.67 7.22 -8.49
C GLU A 35 -1.65 7.25 -8.51
N GLN A 36 -1.55 6.36 -9.49
CA GLN A 36 -2.46 6.38 -10.63
C GLN A 36 -3.88 6.03 -10.20
N CYS A 37 -3.99 5.06 -9.29
N CYS A 37 -3.98 5.08 -9.27
CA CYS A 37 -5.29 4.68 -8.76
CA CYS A 37 -5.27 4.64 -8.76
C CYS A 37 -5.94 5.81 -7.99
C CYS A 37 -5.94 5.74 -7.93
N ARG A 38 -5.14 6.51 -7.19
CA ARG A 38 -5.62 7.65 -6.46
C ARG A 38 -6.21 8.69 -7.44
N GLU A 39 -5.52 8.93 -8.55
CA GLU A 39 -6.01 9.86 -9.56
C GLU A 39 -7.34 9.39 -10.13
N PHE A 40 -7.46 8.09 -10.39
CA PHE A 40 -8.73 7.55 -10.89
C PHE A 40 -9.89 7.74 -9.89
N LEU A 41 -9.61 7.57 -8.60
CA LEU A 41 -10.61 7.86 -7.58
C LEU A 41 -11.05 9.33 -7.61
N LEU A 42 -10.09 10.25 -7.72
CA LEU A 42 -10.41 11.68 -7.82
C LEU A 42 -11.38 11.95 -8.96
N GLN A 43 -11.18 11.25 -10.07
CA GLN A 43 -12.02 11.42 -11.26
C GLN A 43 -13.42 10.85 -11.02
N VAL A 44 -13.50 9.70 -10.35
CA VAL A 44 -14.77 9.10 -9.98
C VAL A 44 -15.53 10.02 -9.02
N GLN A 45 -14.81 10.59 -8.06
CA GLN A 45 -15.40 11.51 -7.09
C GLN A 45 -15.96 12.77 -7.76
N THR A 46 -15.21 13.31 -8.71
CA THR A 46 -15.64 14.50 -9.44
C THR A 46 -16.99 14.28 -10.11
N ILE A 47 -17.13 13.13 -10.75
CA ILE A 47 -18.35 12.81 -11.48
C ILE A 47 -19.51 12.47 -10.55
N ALA A 48 -19.23 11.70 -9.50
CA ALA A 48 -20.25 11.39 -8.50
C ALA A 48 -20.84 12.67 -7.93
N LYS A 49 -19.97 13.61 -7.55
CA LYS A 49 -20.44 14.88 -6.96
C LYS A 49 -21.21 15.73 -7.97
N ASP A 50 -20.76 15.77 -9.21
CA ASP A 50 -21.48 16.52 -10.24
C ASP A 50 -22.86 15.93 -10.52
N ARG A 51 -22.96 14.61 -10.49
CA ARG A 51 -24.23 13.94 -10.74
C ARG A 51 -25.12 13.86 -9.49
N GLY A 52 -24.64 14.37 -8.37
CA GLY A 52 -25.40 14.28 -7.14
C GLY A 52 -25.51 12.86 -6.60
N GLU A 53 -24.52 12.02 -6.90
CA GLU A 53 -24.50 10.65 -6.40
C GLU A 53 -23.65 10.54 -5.14
N LYS A 54 -23.80 9.46 -4.41
CA LYS A 54 -22.92 9.23 -3.27
C LYS A 54 -21.47 9.16 -3.77
N CYS A 55 -20.61 9.93 -3.13
CA CYS A 55 -19.20 10.03 -3.51
C CYS A 55 -18.34 9.08 -2.68
N PRO A 56 -17.67 8.13 -3.34
CA PRO A 56 -16.78 7.21 -2.60
C PRO A 56 -15.60 7.95 -1.97
N THR A 57 -15.17 7.51 -0.80
CA THR A 57 -13.99 8.09 -0.16
C THR A 57 -12.83 7.09 -0.17
N LYS A 58 -13.05 5.91 -0.76
CA LYS A 58 -12.04 4.87 -0.81
C LYS A 58 -11.93 4.34 -2.22
N VAL A 59 -10.83 3.69 -2.54
CA VAL A 59 -10.73 2.98 -3.80
C VAL A 59 -11.69 1.81 -3.71
N THR A 60 -12.58 1.70 -4.68
CA THR A 60 -13.62 0.69 -4.69
C THR A 60 -13.59 -0.04 -6.01
N ASN A 61 -14.44 -1.06 -6.15
CA ASN A 61 -14.60 -1.74 -7.43
C ASN A 61 -14.83 -0.74 -8.55
N GLN A 62 -15.57 0.31 -8.23
CA GLN A 62 -15.91 1.34 -9.20
C GLN A 62 -14.64 1.98 -9.77
N VAL A 63 -13.69 2.26 -8.89
CA VAL A 63 -12.45 2.88 -9.31
C VAL A 63 -11.63 1.96 -10.21
N PHE A 64 -11.53 0.69 -9.82
CA PHE A 64 -10.83 -0.28 -10.65
C PHE A 64 -11.47 -0.41 -12.04
N ARG A 65 -12.80 -0.44 -12.09
CA ARG A 65 -13.48 -0.50 -13.39
C ARG A 65 -13.16 0.74 -14.21
N TYR A 66 -13.13 1.87 -13.53
CA TYR A 66 -12.81 3.14 -14.19
C TYR A 66 -11.38 3.12 -14.77
N ALA A 67 -10.42 2.63 -13.99
CA ALA A 67 -9.06 2.46 -14.48
C ALA A 67 -9.02 1.63 -15.77
N LYS A 68 -9.70 0.48 -15.75
CA LYS A 68 -9.73 -0.41 -16.90
C LYS A 68 -10.33 0.30 -18.11
N LYS A 69 -11.43 1.01 -17.90
CA LYS A 69 -12.11 1.72 -18.98
C LYS A 69 -11.20 2.79 -19.59
N SER A 70 -10.37 3.40 -18.76
CA SER A 70 -9.48 4.47 -19.23
C SER A 70 -8.20 3.94 -19.88
N GLY A 71 -8.14 2.64 -20.12
CA GLY A 71 -6.99 2.04 -20.76
C GLY A 71 -5.86 1.64 -19.83
N ALA A 72 -6.06 1.78 -18.53
CA ALA A 72 -5.04 1.36 -17.56
C ALA A 72 -5.28 -0.08 -17.14
N SER A 73 -5.23 -0.97 -18.13
CA SER A 73 -5.48 -2.39 -17.94
C SER A 73 -4.53 -3.03 -16.93
N TYR A 74 -3.29 -2.59 -16.92
CA TYR A 74 -2.27 -3.13 -16.03
C TYR A 74 -2.63 -2.94 -14.55
N ILE A 75 -3.69 -2.18 -14.30
CA ILE A 75 -4.19 -2.07 -12.94
C ILE A 75 -5.26 -3.14 -12.75
N ASN A 76 -5.19 -3.83 -11.61
CA ASN A 76 -6.21 -4.79 -11.24
C ASN A 76 -6.31 -4.89 -9.72
N LYS A 77 -7.50 -5.24 -9.23
CA LYS A 77 -7.77 -5.22 -7.80
C LYS A 77 -6.89 -6.16 -6.95
N PRO A 78 -6.79 -7.45 -7.35
CA PRO A 78 -6.02 -8.38 -6.52
C PRO A 78 -4.58 -7.92 -6.31
N LYS A 79 -3.93 -7.48 -7.38
CA LYS A 79 -2.53 -7.02 -7.29
C LYS A 79 -2.39 -5.79 -6.40
N MET A 80 -3.27 -4.81 -6.57
CA MET A 80 -3.21 -3.60 -5.77
C MET A 80 -3.47 -3.89 -4.30
N ARG A 81 -4.47 -4.73 -4.01
CA ARG A 81 -4.76 -5.09 -2.63
C ARG A 81 -3.58 -5.87 -2.01
N HIS A 82 -2.96 -6.73 -2.80
CA HIS A 82 -1.84 -7.57 -2.32
C HIS A 82 -0.70 -6.74 -1.76
N TYR A 83 -0.31 -5.68 -2.48
CA TYR A 83 0.85 -4.89 -2.07
C TYR A 83 0.54 -3.62 -1.27
N VAL A 84 -0.70 -3.43 -0.86
CA VAL A 84 -1.07 -2.15 -0.22
C VAL A 84 -0.23 -1.81 1.03
N HIS A 85 0.06 -2.80 1.88
CA HIS A 85 0.86 -2.51 3.07
C HIS A 85 2.29 -2.10 2.72
N CYS A 86 2.77 -2.52 1.55
CA CYS A 86 4.09 -2.09 1.08
C CYS A 86 4.07 -0.62 0.71
N TYR A 87 3.01 -0.22 0.01
CA TYR A 87 2.81 1.19 -0.32
C TYR A 87 2.62 2.00 0.96
N ALA A 88 1.90 1.42 1.93
CA ALA A 88 1.71 2.07 3.22
C ALA A 88 3.03 2.45 3.90
N LEU A 89 3.97 1.51 3.92
CA LEU A 89 5.25 1.76 4.57
C LEU A 89 6.01 2.85 3.83
N HIS A 90 5.96 2.80 2.50
CA HIS A 90 6.56 3.84 1.66
C HIS A 90 5.99 5.23 2.00
N CYS A 91 4.68 5.28 2.25
CA CYS A 91 4.01 6.55 2.55
C CYS A 91 4.35 7.05 3.95
N LEU A 92 4.30 6.13 4.92
CA LEU A 92 4.38 6.50 6.33
C LEU A 92 5.81 6.73 6.82
N ASP A 93 6.76 5.97 6.30
CA ASP A 93 8.15 6.14 6.71
C ASP A 93 9.05 5.84 5.51
N GLU A 94 9.15 6.79 4.59
CA GLU A 94 9.85 6.55 3.34
C GLU A 94 11.30 6.13 3.56
N GLU A 95 11.94 6.68 4.59
CA GLU A 95 13.32 6.33 4.90
C GLU A 95 13.45 4.86 5.27
N ALA A 96 12.59 4.40 6.17
CA ALA A 96 12.60 2.99 6.53
C ALA A 96 12.25 2.12 5.33
N SER A 97 11.31 2.58 4.51
CA SER A 97 10.93 1.86 3.29
C SER A 97 12.14 1.68 2.38
N ASN A 98 12.83 2.78 2.10
CA ASN A 98 14.05 2.74 1.29
C ASN A 98 15.11 1.80 1.86
N ALA A 99 15.33 1.88 3.16
CA ALA A 99 16.35 1.05 3.79
C ALA A 99 15.99 -0.43 3.73
N LEU A 100 14.72 -0.76 3.90
CA LEU A 100 14.30 -2.15 3.83
C LEU A 100 14.48 -2.69 2.41
N ARG A 101 14.16 -1.86 1.42
CA ARG A 101 14.34 -2.23 0.02
C ARG A 101 15.82 -2.51 -0.29
N ARG A 102 16.71 -1.61 0.15
CA ARG A 102 18.14 -1.78 -0.06
C ARG A 102 18.66 -3.06 0.61
N ALA A 103 18.21 -3.32 1.83
CA ALA A 103 18.64 -4.50 2.55
C ALA A 103 18.22 -5.79 1.85
N PHE A 104 16.98 -5.83 1.39
CA PHE A 104 16.45 -7.04 0.75
C PHE A 104 17.04 -7.24 -0.65
N LYS A 105 17.31 -6.15 -1.35
CA LYS A 105 18.00 -6.24 -2.63
C LYS A 105 19.39 -6.84 -2.43
N GLU A 106 20.14 -6.28 -1.49
CA GLU A 106 21.49 -6.75 -1.18
C GLU A 106 21.50 -8.25 -0.88
N ARG A 107 20.48 -8.73 -0.19
CA ARG A 107 20.41 -10.13 0.20
C ARG A 107 19.87 -11.05 -0.91
N GLY A 108 19.51 -10.46 -2.05
CA GLY A 108 18.94 -11.22 -3.14
C GLY A 108 17.59 -11.85 -2.83
N GLU A 109 16.84 -11.24 -1.92
CA GLU A 109 15.50 -11.74 -1.59
C GLU A 109 14.53 -11.45 -2.72
N ASN A 110 13.50 -12.28 -2.86
CA ASN A 110 12.46 -12.03 -3.84
C ASN A 110 11.36 -11.11 -3.30
N VAL A 111 10.42 -10.75 -4.14
CA VAL A 111 9.40 -9.76 -3.77
C VAL A 111 8.49 -10.26 -2.65
N GLY A 112 8.12 -11.54 -2.70
CA GLY A 112 7.32 -12.14 -1.64
C GLY A 112 7.93 -11.98 -0.27
N SER A 113 9.24 -12.20 -0.17
CA SER A 113 9.95 -12.08 1.11
C SER A 113 10.04 -10.63 1.58
N TRP A 114 10.42 -9.74 0.67
CA TRP A 114 10.44 -8.32 1.01
C TRP A 114 9.05 -7.86 1.50
N ARG A 115 8.01 -8.27 0.79
CA ARG A 115 6.64 -7.93 1.17
C ARG A 115 6.34 -8.35 2.61
N GLN A 116 6.73 -9.57 2.96
CA GLN A 116 6.49 -10.07 4.31
C GLN A 116 7.21 -9.22 5.35
N ALA A 117 8.42 -8.78 5.01
CA ALA A 117 9.21 -7.97 5.93
C ALA A 117 8.62 -6.57 6.17
N CYS A 118 7.70 -6.15 5.32
CA CYS A 118 7.14 -4.80 5.41
C CYS A 118 6.15 -4.65 6.57
N TYR A 119 5.61 -5.77 7.03
CA TYR A 119 4.64 -5.76 8.13
C TYR A 119 5.24 -5.20 9.41
N LYS A 120 6.35 -5.77 9.83
CA LYS A 120 6.95 -5.44 11.13
C LYS A 120 7.04 -3.94 11.42
N PRO A 121 7.72 -3.17 10.55
CA PRO A 121 7.80 -1.73 10.81
C PRO A 121 6.43 -1.05 10.86
N LEU A 122 5.45 -1.57 10.14
CA LEU A 122 4.10 -0.99 10.18
C LEU A 122 3.45 -1.27 11.54
N VAL A 123 3.61 -2.49 12.04
CA VAL A 123 3.12 -2.83 13.36
C VAL A 123 3.75 -1.93 14.43
N ASN A 124 5.03 -1.61 14.25
CA ASN A 124 5.73 -0.71 15.18
C ASN A 124 5.16 0.70 15.14
N ILE A 125 4.84 1.17 13.94
CA ILE A 125 4.22 2.46 13.77
C ILE A 125 2.84 2.48 14.46
N ALA A 126 2.11 1.38 14.31
CA ALA A 126 0.81 1.24 14.95
C ALA A 126 0.93 1.29 16.48
N CYS A 127 1.91 0.58 17.01
CA CYS A 127 2.16 0.54 18.44
C CYS A 127 2.35 1.95 18.99
N ARG A 128 2.99 2.80 18.19
CA ARG A 128 3.27 4.18 18.60
C ARG A 128 2.06 5.10 18.50
N HIS A 129 0.93 4.56 18.05
CA HIS A 129 -0.30 5.35 17.91
C HIS A 129 -1.47 4.66 18.58
N GLY A 130 -1.23 4.07 19.75
CA GLY A 130 -2.27 3.39 20.48
C GLY A 130 -2.85 2.21 19.73
N TRP A 131 -2.04 1.64 18.83
CA TRP A 131 -2.46 0.46 18.06
C TRP A 131 -3.64 0.73 17.12
N ASP A 132 -3.89 2.00 16.84
CA ASP A 132 -5.01 2.37 15.97
C ASP A 132 -4.54 2.46 14.51
N ILE A 133 -4.52 1.33 13.83
CA ILE A 133 -4.00 1.27 12.47
C ILE A 133 -4.91 2.02 11.47
N ASP A 134 -6.22 2.00 11.73
CA ASP A 134 -7.15 2.77 10.89
C ASP A 134 -6.81 4.25 10.94
N ALA A 135 -6.53 4.74 12.14
CA ALA A 135 -6.18 6.14 12.33
C ALA A 135 -4.83 6.46 11.67
N VAL A 136 -3.93 5.48 11.69
CA VAL A 136 -2.65 5.64 11.01
C VAL A 136 -2.87 5.83 9.51
N PHE A 137 -3.65 4.94 8.90
CA PHE A 137 -3.94 5.07 7.47
C PHE A 137 -4.67 6.38 7.15
N ASN A 138 -5.68 6.71 7.94
CA ASN A 138 -6.49 7.90 7.69
C ASN A 138 -5.77 9.24 7.86
N ALA A 139 -4.70 9.24 8.65
CA ALA A 139 -3.93 10.46 8.90
C ALA A 139 -3.00 10.83 7.74
N HIS A 140 -2.71 9.87 6.87
CA HIS A 140 -1.89 10.13 5.70
C HIS A 140 -2.79 10.33 4.48
N PRO A 141 -2.68 11.48 3.82
CA PRO A 141 -3.60 11.84 2.74
C PRO A 141 -3.64 10.82 1.58
N ARG A 142 -2.48 10.35 1.15
N ARG A 142 -2.49 10.32 1.15
CA ARG A 142 -2.40 9.37 0.07
CA ARG A 142 -2.47 9.39 0.04
C ARG A 142 -2.95 8.02 0.53
C ARG A 142 -2.78 7.94 0.46
N LEU A 143 -2.60 7.65 1.74
CA LEU A 143 -2.90 6.32 2.26
C LEU A 143 -4.36 6.15 2.70
N SER A 144 -5.02 7.26 3.00
CA SER A 144 -6.34 7.23 3.61
C SER A 144 -7.42 6.62 2.73
N ILE A 145 -7.17 6.58 1.42
CA ILE A 145 -8.15 6.01 0.49
C ILE A 145 -8.08 4.48 0.37
N TRP A 146 -7.14 3.86 1.07
CA TRP A 146 -6.95 2.40 0.98
C TRP A 146 -7.45 1.68 2.22
N TYR A 147 -8.27 0.66 2.03
CA TYR A 147 -8.68 -0.17 3.15
C TYR A 147 -7.43 -0.79 3.80
N VAL A 148 -7.42 -0.88 5.13
CA VAL A 148 -6.34 -1.59 5.83
C VAL A 148 -6.42 -3.08 5.48
N PRO A 149 -5.29 -3.67 5.06
CA PRO A 149 -5.30 -5.08 4.67
C PRO A 149 -5.55 -5.99 5.89
N THR A 150 -6.26 -7.08 5.66
CA THR A 150 -6.65 -7.99 6.73
C THR A 150 -5.46 -8.44 7.61
N LYS A 151 -4.44 -8.99 6.97
CA LYS A 151 -3.28 -9.49 7.70
C LYS A 151 -2.63 -8.42 8.58
N LEU A 152 -2.48 -7.21 8.05
CA LEU A 152 -1.90 -6.12 8.84
C LEU A 152 -2.74 -5.81 10.08
N ARG A 153 -4.06 -5.80 9.91
CA ARG A 153 -4.97 -5.56 11.02
C ARG A 153 -4.83 -6.67 12.08
N GLN A 154 -4.80 -7.92 11.63
CA GLN A 154 -4.65 -9.05 12.54
C GLN A 154 -3.35 -8.98 13.34
N LEU A 155 -2.24 -8.66 12.68
CA LEU A 155 -0.94 -8.55 13.33
C LEU A 155 -0.93 -7.44 14.37
N CYS A 156 -1.54 -6.31 14.04
CA CYS A 156 -1.60 -5.18 14.97
C CYS A 156 -2.39 -5.56 16.20
N HIS A 157 -3.43 -6.36 16.02
CA HIS A 157 -4.27 -6.79 17.13
C HIS A 157 -3.56 -7.83 17.99
N LEU A 158 -2.90 -8.78 17.33
CA LEU A 158 -2.11 -9.80 18.00
C LEU A 158 -1.04 -9.15 18.85
N GLU A 159 -0.45 -8.08 18.32
CA GLU A 159 0.65 -7.41 19.01
C GLU A 159 0.17 -6.56 20.17
N ARG A 160 -0.97 -5.88 19.99
CA ARG A 160 -1.54 -5.08 21.06
C ARG A 160 -1.93 -5.97 22.25
N ASN A 161 -2.43 -7.16 21.96
CA ASN A 161 -2.79 -8.10 23.02
C ASN A 161 -1.56 -8.58 23.76
N ASN A 162 -0.52 -8.96 23.02
CA ASN A 162 0.75 -9.33 23.62
C ASN A 162 1.29 -8.19 24.47
N ALA A 163 1.03 -6.96 24.03
CA ALA A 163 1.47 -5.79 24.76
C ALA A 163 0.74 -5.64 26.09
N VAL A 164 -0.60 -5.70 26.05
CA VAL A 164 -1.39 -5.58 27.27
C VAL A 164 -1.13 -6.76 28.20
N ALA A 165 -0.81 -7.91 27.62
CA ALA A 165 -0.48 -9.09 28.41
C ALA A 165 0.89 -9.17 29.08
N ALA A 166 1.93 -9.16 28.26
CA ALA A 166 3.31 -9.04 28.73
C ALA A 166 3.53 -7.83 29.63
N ALA A 167 2.98 -6.68 29.23
CA ALA A 167 3.21 -5.44 29.96
C ALA A 167 2.13 -5.11 30.97
N ALA A 168 1.54 -6.13 31.57
CA ALA A 168 0.61 -5.93 32.68
C ALA A 168 1.13 -6.66 33.91
N ALA A 169 2.12 -7.51 33.69
CA ALA A 169 2.76 -8.27 34.77
C ALA A 169 3.78 -7.41 35.51
N LEU A 170 3.49 -6.27 35.89
#